data_3F2T
#
_entry.id   3F2T
#
_cell.length_a   71.493
_cell.length_b   71.493
_cell.length_c   138.718
_cell.angle_alpha   90.00
_cell.angle_beta   90.00
_cell.angle_gamma   120.00
#
_symmetry.space_group_name_H-M   'P 31 2 1'
#
loop_
_entity.id
_entity.type
_entity.pdbx_description
1 polymer 'FMN riboswitch'
2 non-polymer 'FLAVIN MONONUCLEOTIDE'
3 non-polymer 'POTASSIUM ION'
4 non-polymer 'MAGNESIUM ION'
5 non-polymer 'IRIDIUM HEXAMMINE ION'
6 water water
#
_entity_poly.entity_id   1
_entity_poly.type   'polyribonucleotide'
_entity_poly.pdbx_seq_one_letter_code
;(GTP)GAUCUUCGGGGCAGGGUGAAAUUCCCGACCGGUGGUAUAGUCCACGAAAGUAUUUGCUUUGAUUUGGUGAAAUUC
CAAAACCGACAGUAGAGUCUGGAUGAGAGAAGAUU(CCC)
;
_entity_poly.pdbx_strand_id   X
#
loop_
_chem_comp.id
_chem_comp.type
_chem_comp.name
_chem_comp.formula
A RNA linking ADENOSINE-5'-MONOPHOSPHATE 'C10 H14 N5 O7 P'
C RNA linking CYTIDINE-5'-MONOPHOSPHATE 'C9 H14 N3 O8 P'
CCC RNA linking 'CYTIDINE-5'-PHOSPHATE-2',3'-CYCLIC PHOSPHATE' 'C9 H13 N3 O10 P2'
FMN non-polymer 'FLAVIN MONONUCLEOTIDE' 'C17 H21 N4 O9 P'
G RNA linking GUANOSINE-5'-MONOPHOSPHATE 'C10 H14 N5 O8 P'
GTP non-polymer GUANOSINE-5'-TRIPHOSPHATE 'C10 H16 N5 O14 P3'
IRI non-polymer 'IRIDIUM HEXAMMINE ION' 'H18 Ir N6 3'
K non-polymer 'POTASSIUM ION' 'K 1'
MG non-polymer 'MAGNESIUM ION' 'Mg 2'
U RNA linking URIDINE-5'-MONOPHOSPHATE 'C9 H13 N2 O9 P'
#
# COMPACT_ATOMS: atom_id res chain seq x y z
PG GTP A 1 -7.20 -10.53 8.87
O1G GTP A 1 -7.05 -10.91 10.32
O2G GTP A 1 -5.83 -10.44 8.22
O3G GTP A 1 -7.89 -9.19 8.75
O3B GTP A 1 -8.09 -11.67 8.12
PB GTP A 1 -9.66 -11.84 8.43
O1B GTP A 1 -10.47 -11.56 7.18
O2B GTP A 1 -10.11 -10.96 9.57
O3A GTP A 1 -9.83 -13.40 8.81
PA GTP A 1 -10.69 -13.81 10.10
O1A GTP A 1 -9.88 -13.57 11.34
O2A GTP A 1 -11.16 -15.25 10.01
O5' GTP A 1 -11.93 -12.79 10.07
C5' GTP A 1 -12.96 -12.91 9.11
C4' GTP A 1 -14.29 -13.04 9.85
O4' GTP A 1 -14.15 -13.97 10.90
C3' GTP A 1 -14.68 -11.74 10.53
O3' GTP A 1 -15.39 -10.89 9.66
C2' GTP A 1 -15.50 -12.17 11.73
O2' GTP A 1 -16.82 -12.48 11.34
C1' GTP A 1 -14.77 -13.47 12.08
N9 GTP A 1 -13.78 -13.23 13.16
C8 GTP A 1 -12.41 -13.36 13.05
N7 GTP A 1 -11.85 -13.06 14.25
C5 GTP A 1 -12.83 -12.74 15.12
C6 GTP A 1 -12.81 -12.37 16.46
O6 GTP A 1 -11.74 -12.28 17.07
N1 GTP A 1 -13.99 -12.11 17.11
C2 GTP A 1 -15.19 -12.21 16.44
N2 GTP A 1 -16.33 -11.97 17.07
N3 GTP A 1 -15.21 -12.60 15.11
C4 GTP A 1 -14.05 -12.86 14.45
PC CCC A 112 -19.77 -12.50 23.33
O1C CCC A 112 -19.45 -13.74 24.13
O2C CCC A 112 -21.17 -12.57 22.78
P CCC A 112 -15.31 -8.78 26.41
OP1 CCC A 112 -16.15 -8.78 27.66
OP2 CCC A 112 -14.01 -9.54 26.36
O5' CCC A 112 -16.24 -9.27 25.19
C5' CCC A 112 -17.50 -8.67 24.93
C4' CCC A 112 -18.15 -9.36 23.74
O4' CCC A 112 -17.32 -9.17 22.60
C3' CCC A 112 -18.25 -10.85 24.02
O3' CCC A 112 -19.60 -11.22 24.24
C2' CCC A 112 -17.71 -11.52 22.76
O2' CCC A 112 -18.71 -12.30 22.13
C1' CCC A 112 -17.28 -10.38 21.84
N1 CCC A 112 -15.90 -10.59 21.37
C2 CCC A 112 -15.67 -10.62 20.06
O2 CCC A 112 -16.56 -10.46 19.25
N3 CCC A 112 -14.42 -10.82 19.66
C4 CCC A 112 -13.52 -10.97 20.61
N4 CCC A 112 -12.24 -11.18 20.28
C5 CCC A 112 -13.86 -10.93 21.83
C6 CCC A 112 -14.99 -10.74 22.16
N1 FMN B . 3.26 12.17 -7.37
C2 FMN B . 3.06 13.00 -6.28
O2 FMN B . 4.01 13.34 -5.58
N3 FMN B . 1.79 13.44 -5.97
C4 FMN B . 0.71 13.07 -6.75
O4 FMN B . -0.41 13.48 -6.48
C4A FMN B . 0.92 12.24 -7.85
N5 FMN B . -0.16 11.86 -8.63
C5A FMN B . 0.04 11.04 -9.72
C6 FMN B . -1.04 10.65 -10.51
C7 FMN B . -0.85 9.82 -11.61
C7M FMN B . -2.04 9.43 -12.44
C8 FMN B . 0.43 9.37 -11.92
C8M FMN B . 0.68 8.47 -13.11
C9 FMN B . 1.51 9.74 -11.13
C9A FMN B . 1.33 10.58 -10.02
N10 FMN B . 2.40 10.95 -9.24
C10 FMN B . 2.20 11.79 -8.15
C1' FMN B . 3.76 10.39 -9.48
C2' FMN B . 3.90 9.03 -8.82
O2' FMN B . 4.10 9.20 -7.44
C3' FMN B . 5.09 8.26 -9.38
O3' FMN B . 6.24 9.05 -9.26
C4' FMN B . 4.91 7.90 -10.85
O4' FMN B . 3.61 7.38 -11.04
C5' FMN B . 5.95 6.86 -11.26
O5' FMN B . 5.83 5.73 -10.43
P FMN B . 6.99 4.63 -10.39
O1P FMN B . 6.87 3.61 -11.49
O2P FMN B . 6.91 3.91 -9.06
O3P FMN B . 8.31 5.31 -10.58
K K C . 4.94 -7.20 -6.48
MG MG D . 13.53 11.02 -18.19
MG MG E . 5.98 1.74 -9.58
MG MG F . 6.74 21.76 -16.82
MG MG G . 34.20 19.86 -9.16
MG MG H . 16.98 -0.11 -12.83
MG MG I . 28.45 7.00 -10.30
MG MG J . -10.16 7.38 13.85
IR IRI K . 6.95 16.56 -4.19
IR IRI K . 8.81 13.94 -4.37
N1 IRI K . 8.38 16.28 -2.78
N1 IRI K . 10.13 12.81 -3.35
N2 IRI K . 5.99 14.90 -3.55
N2 IRI K . 7.96 12.26 -5.12
N3 IRI K . 5.53 16.84 -5.61
N3 IRI K . 7.48 15.06 -5.42
N4 IRI K . 7.91 18.22 -4.83
N4 IRI K . 9.65 15.61 -3.60
N5 IRI K . 5.90 17.69 -2.88
N5 IRI K . 7.53 13.86 -2.80
N6 IRI K . 7.99 15.43 -5.51
N6 IRI K . 10.07 14.02 -5.95
IR IRI L . 3.50 -17.02 -2.13
N1 IRI L . 2.01 -17.81 -3.25
N2 IRI L . 3.46 -15.35 -3.28
N3 IRI L . 4.99 -16.22 -1.01
N4 IRI L . 3.54 -18.68 -0.99
N5 IRI L . 2.14 -16.20 -0.88
N6 IRI L . 4.88 -17.83 -3.38
IR IRI M . 0.18 10.29 7.18
N1 IRI M . -1.40 9.66 6.09
N2 IRI M . 1.44 9.30 5.94
N3 IRI M . 1.77 10.94 8.27
N4 IRI M . -1.07 11.29 8.43
N5 IRI M . 0.32 11.94 6.01
N6 IRI M . 0.04 8.66 8.36
IR IRI N . 26.10 20.59 -14.63
N1 IRI N . 26.41 22.59 -14.59
N2 IRI N . 24.28 20.89 -15.45
N3 IRI N . 25.80 18.58 -14.69
N4 IRI N . 27.94 20.28 -13.81
N5 IRI N . 26.93 20.53 -16.48
N6 IRI N . 25.28 20.64 -12.78
IR IRI O . -7.78 -10.15 16.56
N1 IRI O . -7.14 -9.61 14.72
N2 IRI O . -7.02 -8.44 17.34
N3 IRI O . -8.42 -10.70 18.41
N4 IRI O . -8.55 -11.86 15.78
N5 IRI O . -9.55 -9.22 16.22
N6 IRI O . -6.02 -11.09 16.90
IR IRI P . -11.26 1.89 -10.74
N1 IRI P . -11.37 0.60 -12.30
N2 IRI P . -12.99 2.75 -11.32
N3 IRI P . -11.14 3.18 -9.18
N4 IRI P . -9.52 1.02 -10.16
N5 IRI P . -12.29 0.58 -9.57
N6 IRI P . -10.23 3.19 -11.89
IR IRI Q . 14.92 -6.93 -14.07
N1 IRI Q . 16.25 -5.42 -14.32
N2 IRI Q . 14.01 -5.89 -12.60
N3 IRI Q . 13.60 -8.45 -13.83
N4 IRI Q . 15.85 -7.97 -15.55
N5 IRI Q . 13.70 -6.08 -15.44
N6 IRI Q . 16.15 -7.79 -12.70
IR IRI R . -10.42 13.19 -6.52
N1 IRI R . -11.89 12.08 -7.34
N2 IRI R . -11.76 14.06 -5.27
N3 IRI R . -8.95 14.32 -5.69
N4 IRI R . -9.07 12.33 -7.76
N5 IRI R . -10.09 11.75 -5.14
N6 IRI R . -10.75 14.65 -7.89
IR IRI S . 10.16 -4.29 -4.01
N1 IRI S . 10.37 -2.96 -2.49
N2 IRI S . 8.48 -3.35 -4.60
N3 IRI S . 9.96 -5.62 -5.52
N4 IRI S . 11.86 -5.23 -3.41
N5 IRI S . 11.25 -3.09 -5.21
N6 IRI S . 9.08 -5.50 -2.80
IR IRI T . 12.02 -25.90 -21.02
N1 IRI T . 13.58 -26.34 -19.81
N2 IRI T . 10.76 -25.95 -19.44
N3 IRI T . 10.46 -25.46 -22.24
N4 IRI T . 13.27 -25.83 -22.62
N5 IRI T . 12.32 -23.92 -20.71
N6 IRI T . 11.72 -27.87 -21.34
IR IRI U . 29.85 28.28 -19.18
N1 IRI U . 31.65 27.46 -18.75
N2 IRI U . 29.93 29.37 -17.47
N3 IRI U . 28.05 29.11 -19.60
N4 IRI U . 29.77 27.19 -20.88
N5 IRI U . 30.78 29.77 -20.18
N6 IRI U . 28.92 26.78 -18.17
#